data_8J5G
#
_entry.id   8J5G
#
_cell.length_a   71.415
_cell.length_b   78.344
_cell.length_c   83.414
_cell.angle_alpha   90.000
_cell.angle_beta   90.000
_cell.angle_gamma   90.000
#
_symmetry.space_group_name_H-M   'C 2 2 21'
#
loop_
_entity.id
_entity.type
_entity.pdbx_description
1 polymer 'Deoxyadenosine/deoxycytidine kinase'
2 non-polymer '[(2~{S},3~{S},4~{R},5~{R})-5-(4-azanyl-2-oxidanylidene-pyrimidin-1-yl)-2-(hydroxymethyl)-3,4-bis(oxidanyl)thiolan-2-yl] phosphono hydrogen phosphate'
3 water water
#
_entity_poly.entity_id   1
_entity_poly.type   'polypeptide(L)'
_entity_poly.pdbx_seq_one_letter_code
;STSDRLKAVEQNLYDVGPRDSGGREGPGHYIAISGNTAAGKTTLIETLAGSLRAAGADAVGVSERVFHHRYLKLMFSASA
DFAFPIQLSFMLERHLLLLDNLVRRGRTMVMERSHLDDAMFVREHVASGAITAAQQRAYTEVSGELNARIPNPDLIVLMN
PEPELSLERLARAEAEGSRPRQFPSDAAKRAWVHRWYDLYQELHDDYRRRAVDGDLRGTELLELDAAASPEEKIATVTAR
ARSLVVG
;
_entity_poly.pdbx_strand_id   A
#
loop_
_chem_comp.id
_chem_comp.type
_chem_comp.name
_chem_comp.formula
TT9 non-polymer '[(2~{S},3~{S},4~{R},5~{R})-5-(4-azanyl-2-oxidanylidene-pyrimidin-1-yl)-2-(hydroxymethyl)-3,4-bis(oxidanyl)thiolan-2-yl] phosphono hydrogen phosphate' 'C9 H15 N3 O11 P2 S'
#
# COMPACT_ATOMS: atom_id res chain seq x y z
N GLU A 10 -5.89 18.93 -0.82
CA GLU A 10 -7.29 18.74 -1.18
C GLU A 10 -8.01 17.87 -0.16
N GLN A 11 -7.36 16.80 0.26
CA GLN A 11 -7.95 15.83 1.18
C GLN A 11 -7.56 16.08 2.63
N ASN A 12 -6.83 17.16 2.92
CA ASN A 12 -6.47 17.55 4.29
C ASN A 12 -5.70 16.44 5.01
N LEU A 13 -4.68 15.90 4.34
CA LEU A 13 -3.97 14.75 4.89
C LEU A 13 -3.06 15.13 6.05
N TYR A 14 -2.58 16.38 6.11
CA TYR A 14 -1.61 16.80 7.12
C TYR A 14 -2.12 17.93 8.02
N ASP A 15 -3.24 17.69 8.67
CA ASP A 15 -3.88 18.65 9.55
C ASP A 15 -3.49 18.29 10.99
N VAL A 16 -2.78 19.18 11.68
CA VAL A 16 -2.38 18.88 13.05
C VAL A 16 -3.39 19.44 14.05
N GLY A 17 -4.50 19.97 13.54
CA GLY A 17 -5.55 20.49 14.39
C GLY A 17 -6.37 19.38 15.02
N PRO A 18 -7.36 19.77 15.82
CA PRO A 18 -8.11 18.79 16.61
C PRO A 18 -9.05 17.93 15.78
N ARG A 19 -9.32 16.74 16.32
CA ARG A 19 -10.29 15.81 15.74
C ARG A 19 -11.66 16.48 15.57
N ASP A 20 -12.35 16.13 14.47
CA ASP A 20 -13.71 16.63 14.18
C ASP A 20 -14.50 15.46 13.59
N SER A 21 -15.00 14.58 14.46
CA SER A 21 -15.70 13.37 14.03
C SER A 21 -17.10 13.28 14.63
N GLY A 22 -17.64 14.39 15.11
CA GLY A 22 -18.95 14.35 15.74
C GLY A 22 -18.93 13.52 17.00
N GLY A 23 -19.95 12.68 17.16
CA GLY A 23 -20.02 11.78 18.28
C GLY A 23 -19.37 10.43 18.08
N ARG A 24 -18.77 10.18 16.92
CA ARG A 24 -18.20 8.87 16.66
C ARG A 24 -16.80 8.78 17.24
N GLU A 25 -16.56 7.74 18.04
CA GLU A 25 -15.28 7.52 18.67
C GLU A 25 -14.48 6.47 17.91
N GLY A 26 -13.15 6.50 18.13
CA GLY A 26 -12.28 5.45 17.66
C GLY A 26 -11.74 5.71 16.26
N PRO A 27 -10.96 4.78 15.75
CA PRO A 27 -10.40 4.93 14.40
C PRO A 27 -11.50 4.82 13.35
N GLY A 28 -11.19 5.32 12.17
CA GLY A 28 -12.01 5.07 11.00
C GLY A 28 -11.80 3.64 10.52
N HIS A 29 -12.26 3.37 9.30
CA HIS A 29 -12.09 2.06 8.72
C HIS A 29 -11.05 2.12 7.62
N TYR A 30 -10.54 0.95 7.25
CA TYR A 30 -9.22 0.84 6.60
C TYR A 30 -9.33 -0.18 5.47
N ILE A 31 -9.31 0.32 4.24
CA ILE A 31 -9.32 -0.50 3.02
C ILE A 31 -7.97 -0.39 2.36
N ALA A 32 -7.38 -1.51 1.97
CA ALA A 32 -6.07 -1.49 1.32
C ALA A 32 -6.04 -2.41 0.12
N ILE A 33 -5.39 -1.94 -0.96
CA ILE A 33 -5.03 -2.80 -2.08
C ILE A 33 -3.68 -3.44 -1.76
N SER A 34 -3.49 -4.68 -2.20
CA SER A 34 -2.23 -5.40 -2.00
C SER A 34 -1.84 -6.05 -3.31
N GLY A 35 -0.78 -5.54 -3.94
CA GLY A 35 -0.30 -6.15 -5.16
C GLY A 35 0.91 -5.41 -5.71
N ASN A 36 1.56 -6.04 -6.68
CA ASN A 36 2.79 -5.52 -7.27
C ASN A 36 2.52 -4.24 -8.06
N THR A 37 3.62 -3.58 -8.43
CA THR A 37 3.56 -2.31 -9.14
C THR A 37 2.80 -2.44 -10.46
N ALA A 38 2.15 -1.34 -10.85
CA ALA A 38 1.34 -1.25 -12.08
C ALA A 38 0.23 -2.30 -12.11
N ALA A 39 -0.35 -2.61 -10.94
CA ALA A 39 -1.53 -3.47 -10.85
C ALA A 39 -2.79 -2.77 -11.35
N GLY A 40 -2.78 -1.45 -11.44
CA GLY A 40 -3.96 -0.71 -11.81
C GLY A 40 -4.75 -0.36 -10.57
N LYS A 41 -4.20 0.53 -9.74
CA LYS A 41 -4.75 0.83 -8.42
C LYS A 41 -5.34 2.22 -8.29
N THR A 42 -4.86 3.20 -9.05
CA THR A 42 -5.16 4.58 -8.71
C THR A 42 -6.61 4.96 -9.07
N THR A 43 -7.08 4.59 -10.26
CA THR A 43 -8.48 4.83 -10.58
C THR A 43 -9.39 4.19 -9.54
N LEU A 44 -9.07 2.97 -9.14
CA LEU A 44 -9.87 2.24 -8.15
C LEU A 44 -9.93 2.99 -6.82
N ILE A 45 -8.78 3.36 -6.27
CA ILE A 45 -8.80 3.92 -4.93
C ILE A 45 -9.39 5.32 -4.96
N GLU A 46 -9.18 6.09 -6.03
CA GLU A 46 -9.75 7.43 -6.07
C GLU A 46 -11.26 7.37 -6.24
N THR A 47 -11.75 6.48 -7.09
CA THR A 47 -13.20 6.31 -7.25
C THR A 47 -13.82 5.86 -5.94
N LEU A 48 -13.21 4.88 -5.28
N LEU A 48 -13.20 4.88 -5.28
CA LEU A 48 -13.77 4.37 -4.03
CA LEU A 48 -13.73 4.36 -4.03
C LEU A 48 -13.83 5.45 -2.95
C LEU A 48 -13.83 5.46 -2.98
N ALA A 49 -12.77 6.27 -2.82
CA ALA A 49 -12.80 7.32 -1.82
C ALA A 49 -13.93 8.31 -2.09
N GLY A 50 -14.15 8.66 -3.36
CA GLY A 50 -15.24 9.59 -3.67
C GLY A 50 -16.62 8.99 -3.42
N SER A 51 -16.79 7.69 -3.68
CA SER A 51 -18.09 7.08 -3.42
C SER A 51 -18.34 6.91 -1.93
N LEU A 52 -17.29 6.63 -1.16
CA LEU A 52 -17.46 6.55 0.29
C LEU A 52 -17.79 7.92 0.88
N ARG A 53 -17.16 8.97 0.37
CA ARG A 53 -17.51 10.33 0.78
C ARG A 53 -18.95 10.66 0.44
N ALA A 54 -19.41 10.26 -0.75
CA ALA A 54 -20.79 10.51 -1.15
C ALA A 54 -21.77 9.86 -0.19
N ALA A 55 -21.40 8.72 0.40
CA ALA A 55 -22.26 8.06 1.37
C ALA A 55 -22.18 8.67 2.76
N GLY A 56 -21.31 9.67 2.96
CA GLY A 56 -21.22 10.36 4.23
C GLY A 56 -20.00 10.04 5.05
N ALA A 57 -19.09 9.21 4.53
CA ALA A 57 -17.89 8.87 5.28
C ALA A 57 -16.82 9.94 5.08
N ASP A 58 -16.07 10.22 6.14
CA ASP A 58 -14.88 11.07 6.04
C ASP A 58 -13.73 10.21 5.53
N ALA A 59 -13.78 9.93 4.22
CA ALA A 59 -12.87 8.99 3.59
C ALA A 59 -11.85 9.72 2.72
N VAL A 60 -10.65 9.14 2.63
CA VAL A 60 -9.57 9.66 1.79
C VAL A 60 -8.89 8.51 1.08
N GLY A 61 -8.46 8.75 -0.15
CA GLY A 61 -7.66 7.81 -0.90
C GLY A 61 -6.21 8.29 -0.97
N VAL A 62 -5.28 7.37 -0.70
CA VAL A 62 -3.86 7.73 -0.58
C VAL A 62 -3.08 6.92 -1.59
N SER A 63 -2.62 7.59 -2.64
CA SER A 63 -1.75 6.95 -3.61
C SER A 63 -0.36 6.74 -3.02
N GLU A 64 0.28 5.66 -3.43
CA GLU A 64 1.61 5.37 -2.90
C GLU A 64 2.64 6.43 -3.29
N ARG A 65 2.39 7.16 -4.37
CA ARG A 65 3.30 8.25 -4.74
C ARG A 65 3.42 9.31 -3.64
N VAL A 66 2.44 9.41 -2.74
CA VAL A 66 2.54 10.31 -1.59
C VAL A 66 3.77 9.98 -0.75
N PHE A 67 4.17 8.71 -0.73
CA PHE A 67 5.26 8.23 0.12
C PHE A 67 6.59 8.11 -0.62
N HIS A 68 6.66 8.51 -1.88
CA HIS A 68 7.92 8.47 -2.61
C HIS A 68 8.86 9.54 -2.07
N HIS A 69 9.98 9.11 -1.52
CA HIS A 69 11.01 10.04 -1.07
C HIS A 69 11.68 10.72 -2.25
N ARG A 70 12.13 11.96 -2.03
CA ARG A 70 12.98 12.61 -3.02
C ARG A 70 14.17 11.76 -3.45
N TYR A 71 14.68 10.91 -2.54
CA TYR A 71 15.83 10.06 -2.84
C TYR A 71 15.45 8.67 -3.35
N LEU A 72 14.18 8.45 -3.72
CA LEU A 72 13.69 7.12 -4.09
C LEU A 72 14.62 6.43 -5.09
N LYS A 73 15.05 7.14 -6.13
CA LYS A 73 15.85 6.51 -7.18
C LYS A 73 17.15 5.92 -6.66
N LEU A 74 17.69 6.46 -5.56
CA LEU A 74 18.92 5.93 -5.01
C LEU A 74 18.73 4.56 -4.37
N MET A 75 17.51 4.22 -3.94
CA MET A 75 17.24 2.85 -3.49
C MET A 75 17.60 1.85 -4.60
N PHE A 76 17.36 2.22 -5.86
CA PHE A 76 17.50 1.31 -6.99
C PHE A 76 18.81 1.48 -7.75
N SER A 77 19.47 2.64 -7.64
CA SER A 77 20.78 2.81 -8.27
C SER A 77 21.94 2.56 -7.31
N ALA A 78 21.73 2.63 -6.00
CA ALA A 78 22.77 2.44 -5.01
C ALA A 78 22.17 1.69 -3.82
N SER A 79 21.66 0.49 -4.10
CA SER A 79 20.77 -0.17 -3.14
C SER A 79 21.48 -0.56 -1.85
N ALA A 80 22.75 -0.91 -1.90
CA ALA A 80 23.40 -1.33 -0.67
C ALA A 80 23.67 -0.18 0.27
N ASP A 81 23.51 1.06 -0.21
CA ASP A 81 23.58 2.25 0.62
C ASP A 81 22.22 2.81 1.00
N PHE A 82 21.25 2.79 0.09
CA PHE A 82 20.01 3.53 0.31
C PHE A 82 18.76 2.68 0.50
N ALA A 83 18.82 1.37 0.26
CA ALA A 83 17.61 0.56 0.44
C ALA A 83 17.16 0.54 1.90
N PHE A 84 18.08 0.42 2.85
CA PHE A 84 17.66 0.39 4.26
C PHE A 84 16.97 1.69 4.66
N PRO A 85 17.58 2.87 4.50
CA PRO A 85 16.88 4.09 4.95
C PRO A 85 15.66 4.43 4.12
N ILE A 86 15.64 4.13 2.82
CA ILE A 86 14.43 4.41 2.05
C ILE A 86 13.30 3.46 2.42
N GLN A 87 13.61 2.20 2.75
CA GLN A 87 12.57 1.32 3.29
C GLN A 87 12.07 1.82 4.65
N LEU A 88 12.97 2.33 5.49
CA LEU A 88 12.50 2.95 6.73
C LEU A 88 11.55 4.10 6.44
N SER A 89 11.84 4.87 5.38
CA SER A 89 10.99 6.02 5.05
C SER A 89 9.59 5.59 4.61
N PHE A 90 9.49 4.56 3.77
CA PHE A 90 8.18 4.07 3.36
C PHE A 90 7.36 3.68 4.58
N MET A 91 7.97 2.91 5.51
CA MET A 91 7.11 2.46 6.59
C MET A 91 6.82 3.59 7.58
N LEU A 92 7.77 4.51 7.78
CA LEU A 92 7.57 5.61 8.72
C LEU A 92 6.51 6.60 8.22
N GLU A 93 6.59 7.00 6.95
CA GLU A 93 5.65 7.99 6.43
C GLU A 93 4.25 7.40 6.31
N ARG A 94 4.15 6.13 5.91
CA ARG A 94 2.84 5.47 5.93
C ARG A 94 2.29 5.40 7.34
N HIS A 95 3.14 5.05 8.30
CA HIS A 95 2.71 4.97 9.70
C HIS A 95 2.15 6.30 10.19
N LEU A 96 2.89 7.38 9.96
CA LEU A 96 2.47 8.71 10.45
C LEU A 96 1.15 9.13 9.83
N LEU A 97 1.00 8.91 8.52
CA LEU A 97 -0.25 9.29 7.86
C LEU A 97 -1.44 8.50 8.40
N LEU A 98 -1.25 7.20 8.65
CA LEU A 98 -2.31 6.39 9.24
C LEU A 98 -2.57 6.80 10.69
N LEU A 99 -1.51 6.99 11.48
CA LEU A 99 -1.69 7.34 12.88
C LEU A 99 -2.49 8.63 13.03
N ASP A 100 -2.22 9.62 12.18
CA ASP A 100 -2.96 10.88 12.23
C ASP A 100 -4.36 10.74 11.65
N ASN A 101 -4.49 10.27 10.41
CA ASN A 101 -5.78 10.30 9.72
C ASN A 101 -6.72 9.20 10.22
N LEU A 102 -6.25 7.96 10.24
CA LEU A 102 -7.13 6.83 10.60
C LEU A 102 -7.42 6.81 12.10
N VAL A 103 -6.39 6.89 12.92
CA VAL A 103 -6.52 6.73 14.36
C VAL A 103 -6.88 8.05 15.05
N ARG A 104 -5.99 9.04 15.00
CA ARG A 104 -6.23 10.27 15.75
C ARG A 104 -7.49 10.99 15.27
N ARG A 105 -7.66 11.15 13.95
CA ARG A 105 -8.77 11.94 13.44
C ARG A 105 -9.97 11.09 13.00
N GLY A 106 -9.87 9.77 13.09
CA GLY A 106 -11.03 8.93 12.87
C GLY A 106 -11.50 8.80 11.44
N ARG A 107 -10.64 9.12 10.47
CA ARG A 107 -11.00 9.10 9.06
C ARG A 107 -10.86 7.70 8.48
N THR A 108 -11.59 7.47 7.40
CA THR A 108 -11.59 6.19 6.69
C THR A 108 -10.61 6.28 5.54
N MET A 109 -9.76 5.27 5.38
N MET A 109 -9.74 5.28 5.42
CA MET A 109 -8.62 5.37 4.47
CA MET A 109 -8.64 5.30 4.46
C MET A 109 -8.68 4.27 3.42
C MET A 109 -8.86 4.27 3.37
N VAL A 110 -8.49 4.66 2.15
CA VAL A 110 -8.38 3.74 1.03
C VAL A 110 -6.93 3.85 0.57
N MET A 111 -6.12 2.84 0.90
CA MET A 111 -4.68 2.87 0.66
C MET A 111 -4.27 1.99 -0.52
N GLU A 112 -3.31 2.50 -1.30
CA GLU A 112 -2.73 1.67 -2.35
C GLU A 112 -1.81 0.59 -1.79
N ARG A 113 -1.37 0.72 -0.53
CA ARG A 113 -0.60 -0.32 0.14
C ARG A 113 -0.77 -0.14 1.63
N SER A 114 -0.93 -1.25 2.34
CA SER A 114 -1.09 -1.21 3.80
C SER A 114 0.24 -1.34 4.50
N HIS A 115 0.25 -1.03 5.80
CA HIS A 115 1.44 -1.16 6.62
C HIS A 115 1.93 -2.59 6.79
N LEU A 116 1.12 -3.58 6.42
CA LEU A 116 1.51 -4.99 6.53
C LEU A 116 2.38 -5.44 5.37
N ASP A 117 2.41 -4.69 4.28
CA ASP A 117 3.11 -5.11 3.07
C ASP A 117 4.56 -4.62 2.99
N ASP A 118 4.95 -3.61 3.77
CA ASP A 118 6.29 -3.03 3.62
C ASP A 118 7.40 -4.03 3.92
N ALA A 119 7.17 -4.94 4.88
CA ALA A 119 8.22 -5.88 5.29
C ALA A 119 8.71 -6.74 4.13
N MET A 120 7.81 -7.06 3.19
CA MET A 120 8.19 -7.90 2.04
C MET A 120 9.23 -7.20 1.18
N PHE A 121 9.20 -5.86 1.14
CA PHE A 121 10.19 -5.13 0.35
C PHE A 121 11.55 -5.12 1.02
N VAL A 122 11.60 -5.15 2.35
CA VAL A 122 12.88 -5.36 3.03
C VAL A 122 13.39 -6.77 2.79
N ARG A 123 12.50 -7.75 2.80
CA ARG A 123 12.91 -9.13 2.52
C ARG A 123 13.58 -9.24 1.15
N GLU A 124 13.04 -8.54 0.15
CA GLU A 124 13.65 -8.57 -1.19
C GLU A 124 15.09 -8.07 -1.13
N HIS A 125 15.32 -6.96 -0.43
CA HIS A 125 16.67 -6.41 -0.38
C HIS A 125 17.60 -7.25 0.50
N VAL A 126 17.04 -7.95 1.50
CA VAL A 126 17.89 -8.84 2.29
C VAL A 126 18.34 -10.03 1.45
N ALA A 127 17.43 -10.60 0.67
CA ALA A 127 17.79 -11.72 -0.20
C ALA A 127 18.86 -11.34 -1.21
N SER A 128 18.77 -10.14 -1.80
CA SER A 128 19.77 -9.73 -2.77
C SER A 128 21.11 -9.39 -2.13
N GLY A 129 21.10 -9.01 -0.85
CA GLY A 129 22.28 -8.55 -0.16
C GLY A 129 22.38 -7.05 0.01
N ALA A 130 21.40 -6.29 -0.48
CA ALA A 130 21.46 -4.83 -0.35
C ALA A 130 21.19 -4.35 1.07
N ILE A 131 20.43 -5.11 1.86
CA ILE A 131 20.19 -4.84 3.27
C ILE A 131 20.77 -6.01 4.07
N THR A 132 21.54 -5.70 5.11
CA THR A 132 22.16 -6.75 5.91
C THR A 132 21.15 -7.37 6.87
N ALA A 133 21.50 -8.53 7.40
CA ALA A 133 20.62 -9.17 8.38
C ALA A 133 20.48 -8.30 9.63
N ALA A 134 21.57 -7.64 10.05
CA ALA A 134 21.50 -6.75 11.22
C ALA A 134 20.59 -5.57 10.97
N GLN A 135 20.65 -4.99 9.76
CA GLN A 135 19.73 -3.92 9.41
C GLN A 135 18.28 -4.42 9.40
N GLN A 136 18.05 -5.61 8.85
CA GLN A 136 16.70 -6.13 8.86
C GLN A 136 16.18 -6.33 10.29
N ARG A 137 17.02 -6.83 11.20
CA ARG A 137 16.56 -7.01 12.58
C ARG A 137 16.19 -5.68 13.21
N ALA A 138 16.99 -4.62 12.98
CA ALA A 138 16.64 -3.31 13.53
C ALA A 138 15.35 -2.80 12.92
N TYR A 139 15.19 -2.97 11.60
CA TYR A 139 13.94 -2.62 10.94
C TYR A 139 12.74 -3.31 11.58
N THR A 140 12.87 -4.61 11.82
CA THR A 140 11.75 -5.40 12.35
C THR A 140 11.38 -4.94 13.76
N GLU A 141 12.39 -4.56 14.56
CA GLU A 141 12.12 -4.09 15.91
C GLU A 141 11.26 -2.83 15.88
N VAL A 142 11.64 -1.86 15.03
CA VAL A 142 10.86 -0.65 14.91
C VAL A 142 9.50 -0.93 14.28
N SER A 143 9.46 -1.76 13.23
CA SER A 143 8.21 -2.10 12.56
C SER A 143 7.20 -2.72 13.53
N GLY A 144 7.65 -3.60 14.42
CA GLY A 144 6.73 -4.18 15.39
C GLY A 144 6.12 -3.14 16.32
N GLU A 145 6.94 -2.18 16.76
CA GLU A 145 6.41 -1.15 17.65
C GLU A 145 5.45 -0.23 16.93
N LEU A 146 5.77 0.13 15.69
CA LEU A 146 4.90 1.02 14.92
C LEU A 146 3.58 0.33 14.60
N ASN A 147 3.66 -0.92 14.09
CA ASN A 147 2.46 -1.62 13.67
C ASN A 147 1.53 -1.92 14.83
N ALA A 148 2.07 -2.07 16.05
CA ALA A 148 1.21 -2.32 17.20
C ALA A 148 0.28 -1.16 17.50
N ARG A 149 0.54 0.03 16.97
CA ARG A 149 -0.29 1.22 17.21
C ARG A 149 -1.29 1.48 16.11
N ILE A 150 -1.35 0.64 15.08
CA ILE A 150 -2.20 0.83 13.91
C ILE A 150 -3.15 -0.34 13.81
N PRO A 151 -4.46 -0.12 13.66
CA PRO A 151 -5.38 -1.25 13.46
C PRO A 151 -5.04 -2.00 12.19
N ASN A 152 -5.31 -3.31 12.20
CA ASN A 152 -5.21 -4.08 10.97
C ASN A 152 -6.13 -3.46 9.92
N PRO A 153 -5.80 -3.59 8.64
CA PRO A 153 -6.78 -3.23 7.61
C PRO A 153 -8.04 -4.06 7.80
N ASP A 154 -9.17 -3.46 7.45
CA ASP A 154 -10.46 -4.12 7.58
C ASP A 154 -10.87 -4.86 6.33
N LEU A 155 -10.40 -4.41 5.16
CA LEU A 155 -10.68 -5.05 3.87
C LEU A 155 -9.40 -4.97 3.06
N ILE A 156 -8.86 -6.12 2.66
CA ILE A 156 -7.63 -6.19 1.87
C ILE A 156 -7.98 -6.80 0.53
N VAL A 157 -7.68 -6.08 -0.55
CA VAL A 157 -7.97 -6.50 -1.91
C VAL A 157 -6.69 -7.08 -2.49
N LEU A 158 -6.68 -8.39 -2.71
CA LEU A 158 -5.50 -9.08 -3.24
C LEU A 158 -5.54 -9.00 -4.76
N MET A 159 -4.60 -8.21 -5.35
CA MET A 159 -4.63 -7.85 -6.78
C MET A 159 -3.17 -7.86 -7.27
N ASN A 160 -2.65 -9.04 -7.58
CA ASN A 160 -1.24 -9.12 -7.97
C ASN A 160 -1.11 -9.33 -9.47
N PRO A 161 -0.60 -8.35 -10.22
CA PRO A 161 -0.46 -8.52 -11.67
C PRO A 161 0.67 -9.45 -12.04
N GLU A 162 0.51 -10.12 -13.19
CA GLU A 162 1.63 -10.87 -13.73
C GLU A 162 2.75 -9.93 -14.19
N PRO A 163 4.00 -10.37 -14.11
CA PRO A 163 5.13 -9.44 -14.39
C PRO A 163 5.08 -8.78 -15.76
N GLU A 164 4.72 -9.53 -16.82
CA GLU A 164 4.68 -8.93 -18.15
C GLU A 164 3.60 -7.86 -18.26
N LEU A 165 2.49 -8.01 -17.53
CA LEU A 165 1.47 -6.98 -17.52
C LEU A 165 1.99 -5.72 -16.83
N SER A 166 2.62 -5.88 -15.66
CA SER A 166 3.25 -4.73 -14.99
C SER A 166 4.21 -4.02 -15.92
N LEU A 167 5.05 -4.77 -16.63
CA LEU A 167 6.12 -4.15 -17.40
C LEU A 167 5.56 -3.44 -18.63
N GLU A 168 4.51 -3.98 -19.26
CA GLU A 168 3.87 -3.28 -20.38
C GLU A 168 3.30 -1.95 -19.92
N ARG A 169 2.62 -1.94 -18.77
CA ARG A 169 2.03 -0.70 -18.27
C ARG A 169 3.11 0.30 -17.87
N LEU A 170 4.18 -0.17 -17.23
CA LEU A 170 5.27 0.74 -16.84
C LEU A 170 5.94 1.34 -18.05
N ALA A 171 6.17 0.54 -19.08
CA ALA A 171 6.85 1.02 -20.27
C ALA A 171 6.05 2.13 -20.96
N ARG A 172 4.73 1.96 -21.04
CA ARG A 172 3.90 2.99 -21.66
C ARG A 172 3.89 4.26 -20.83
N ALA A 173 3.80 4.14 -19.50
CA ALA A 173 3.78 5.33 -18.65
C ALA A 173 5.10 6.08 -18.68
N GLU A 174 6.22 5.35 -18.69
CA GLU A 174 7.52 6.02 -18.78
C GLU A 174 7.69 6.69 -20.14
N ALA A 175 7.28 6.01 -21.21
CA ALA A 175 7.40 6.58 -22.55
C ALA A 175 6.62 7.87 -22.70
N GLU A 176 5.40 7.93 -22.15
CA GLU A 176 4.61 9.16 -22.30
C GLU A 176 4.89 10.18 -21.21
N GLY A 177 5.84 9.91 -20.31
CA GLY A 177 6.19 10.88 -19.29
C GLY A 177 5.20 11.02 -18.16
N SER A 178 4.25 10.08 -18.02
CA SER A 178 3.26 10.18 -16.96
C SER A 178 3.78 9.63 -15.62
N ARG A 179 4.95 8.99 -15.62
CA ARG A 179 5.66 8.66 -14.39
C ARG A 179 7.16 8.68 -14.68
N PRO A 180 8.00 8.96 -13.70
CA PRO A 180 9.45 8.98 -13.95
C PRO A 180 10.02 7.57 -14.05
N ARG A 181 11.20 7.49 -14.66
CA ARG A 181 11.99 6.26 -14.76
C ARG A 181 12.75 6.02 -13.46
N GLN A 182 12.24 5.08 -12.67
N GLN A 182 12.24 5.11 -12.63
CA GLN A 182 12.69 4.85 -11.31
CA GLN A 182 12.77 4.93 -11.29
C GLN A 182 13.95 4.02 -11.23
C GLN A 182 14.01 4.05 -11.24
N PHE A 183 14.28 3.26 -12.27
CA PHE A 183 15.35 2.26 -12.21
C PHE A 183 16.57 2.67 -13.03
N PRO A 184 17.76 2.14 -12.69
CA PRO A 184 18.99 2.55 -13.40
C PRO A 184 19.17 1.90 -14.77
N SER A 185 18.32 0.96 -15.13
CA SER A 185 18.44 0.25 -16.40
C SER A 185 17.12 -0.44 -16.66
N ASP A 186 16.89 -0.79 -17.93
CA ASP A 186 15.71 -1.57 -18.29
C ASP A 186 15.69 -2.90 -17.55
N ALA A 187 16.85 -3.56 -17.45
CA ALA A 187 16.92 -4.85 -16.79
C ALA A 187 16.68 -4.74 -15.29
N ALA A 188 17.17 -3.68 -14.64
CA ALA A 188 16.88 -3.53 -13.21
C ALA A 188 15.38 -3.42 -12.97
N LYS A 189 14.67 -2.66 -13.81
CA LYS A 189 13.21 -2.59 -13.73
C LYS A 189 12.59 -3.96 -13.90
N ARG A 190 12.97 -4.68 -14.95
CA ARG A 190 12.41 -6.01 -15.19
C ARG A 190 12.68 -6.95 -14.01
N ALA A 191 13.91 -6.92 -13.48
CA ALA A 191 14.28 -7.85 -12.41
C ALA A 191 13.57 -7.54 -11.10
N TRP A 192 13.52 -6.26 -10.69
CA TRP A 192 12.79 -5.93 -9.46
C TRP A 192 11.31 -6.29 -9.60
N VAL A 193 10.72 -6.03 -10.77
CA VAL A 193 9.30 -6.38 -10.94
C VAL A 193 9.09 -7.89 -10.76
N HIS A 194 9.99 -8.71 -11.32
CA HIS A 194 9.83 -10.17 -11.19
C HIS A 194 10.06 -10.64 -9.75
N ARG A 195 11.09 -10.11 -9.08
CA ARG A 195 11.34 -10.53 -7.70
C ARG A 195 10.20 -10.14 -6.79
N TRP A 196 9.65 -8.93 -6.97
CA TRP A 196 8.48 -8.51 -6.19
C TRP A 196 7.28 -9.40 -6.50
N TYR A 197 7.08 -9.73 -7.78
CA TYR A 197 5.94 -10.59 -8.13
C TYR A 197 6.00 -11.91 -7.37
N ASP A 198 7.17 -12.55 -7.33
CA ASP A 198 7.29 -13.83 -6.64
C ASP A 198 7.02 -13.66 -5.16
N LEU A 199 7.58 -12.62 -4.55
CA LEU A 199 7.33 -12.39 -3.13
C LEU A 199 5.87 -12.12 -2.86
N TYR A 200 5.19 -11.37 -3.75
CA TYR A 200 3.79 -11.08 -3.52
C TYR A 200 2.93 -12.33 -3.62
N GLN A 201 3.26 -13.27 -4.51
CA GLN A 201 2.49 -14.51 -4.55
C GLN A 201 2.59 -15.25 -3.22
N GLU A 202 3.78 -15.27 -2.63
CA GLU A 202 3.96 -15.90 -1.33
C GLU A 202 3.23 -15.13 -0.23
N LEU A 203 3.33 -13.79 -0.27
CA LEU A 203 2.65 -12.95 0.73
C LEU A 203 1.15 -13.17 0.70
N HIS A 204 0.58 -13.28 -0.49
CA HIS A 204 -0.87 -13.45 -0.58
C HIS A 204 -1.30 -14.82 -0.08
N ASP A 205 -0.48 -15.86 -0.29
CA ASP A 205 -0.78 -17.15 0.31
C ASP A 205 -0.70 -17.09 1.82
N ASP A 206 0.27 -16.34 2.36
CA ASP A 206 0.31 -16.12 3.81
C ASP A 206 -0.94 -15.41 4.29
N TYR A 207 -1.40 -14.41 3.53
CA TYR A 207 -2.62 -13.67 3.90
C TYR A 207 -3.82 -14.59 4.02
N ARG A 208 -3.96 -15.51 3.07
CA ARG A 208 -5.10 -16.43 3.09
C ARG A 208 -5.08 -17.29 4.34
N ARG A 209 -3.89 -17.66 4.82
CA ARG A 209 -3.77 -18.41 6.06
C ARG A 209 -4.02 -17.53 7.27
N ARG A 210 -3.42 -16.33 7.32
CA ARG A 210 -3.51 -15.57 8.55
C ARG A 210 -4.90 -14.99 8.76
N ALA A 211 -5.72 -14.90 7.71
CA ALA A 211 -7.12 -14.51 7.88
C ALA A 211 -7.99 -15.63 8.43
N VAL A 212 -7.48 -16.85 8.55
CA VAL A 212 -8.21 -17.98 9.11
C VAL A 212 -7.61 -18.43 10.43
N ASP A 213 -6.29 -18.62 10.47
CA ASP A 213 -5.61 -19.17 11.64
C ASP A 213 -4.61 -18.22 12.26
N GLY A 214 -4.50 -17.00 11.76
CA GLY A 214 -3.56 -16.05 12.32
C GLY A 214 -4.22 -14.80 12.85
N ASP A 215 -3.55 -13.67 12.63
CA ASP A 215 -3.91 -12.41 13.26
C ASP A 215 -4.96 -11.60 12.50
N LEU A 216 -5.48 -12.08 11.36
CA LEU A 216 -6.42 -11.32 10.55
C LEU A 216 -7.83 -11.93 10.50
N ARG A 217 -8.24 -12.66 11.54
CA ARG A 217 -9.56 -13.33 11.51
C ARG A 217 -10.73 -12.35 11.47
N GLY A 218 -10.54 -11.10 11.90
CA GLY A 218 -11.52 -10.04 11.85
C GLY A 218 -11.45 -9.15 10.64
N THR A 219 -10.59 -9.51 9.66
CA THR A 219 -10.39 -8.78 8.42
C THR A 219 -10.98 -9.56 7.26
N GLU A 220 -11.57 -8.84 6.31
CA GLU A 220 -12.10 -9.43 5.08
C GLU A 220 -11.05 -9.39 3.97
N LEU A 221 -10.88 -10.50 3.28
CA LEU A 221 -10.02 -10.55 2.09
C LEU A 221 -10.90 -10.60 0.85
N LEU A 222 -10.45 -9.95 -0.22
CA LEU A 222 -11.18 -9.93 -1.47
C LEU A 222 -10.19 -10.15 -2.61
N GLU A 223 -10.44 -11.16 -3.44
CA GLU A 223 -9.58 -11.45 -4.59
C GLU A 223 -10.03 -10.65 -5.80
N LEU A 224 -9.06 -10.12 -6.56
CA LEU A 224 -9.35 -9.28 -7.72
C LEU A 224 -8.25 -9.44 -8.77
N ASP A 225 -8.67 -9.73 -10.02
CA ASP A 225 -7.73 -9.88 -11.13
C ASP A 225 -7.18 -8.52 -11.55
N ALA A 226 -5.85 -8.37 -11.55
CA ALA A 226 -5.25 -7.10 -11.93
C ALA A 226 -5.50 -6.74 -13.39
N ALA A 227 -5.85 -7.73 -14.22
CA ALA A 227 -6.18 -7.49 -15.62
C ALA A 227 -7.66 -7.22 -15.84
N ALA A 228 -8.49 -7.26 -14.80
CA ALA A 228 -9.89 -6.92 -14.97
C ALA A 228 -10.03 -5.46 -15.38
N SER A 229 -11.15 -5.16 -16.05
CA SER A 229 -11.41 -3.78 -16.45
C SER A 229 -11.55 -2.91 -15.19
N PRO A 230 -11.16 -1.63 -15.28
CA PRO A 230 -11.34 -0.76 -14.10
C PRO A 230 -12.77 -0.66 -13.63
N GLU A 231 -13.75 -0.71 -14.54
CA GLU A 231 -15.14 -0.69 -14.07
C GLU A 231 -15.48 -1.97 -13.29
N GLU A 232 -14.92 -3.12 -13.69
CA GLU A 232 -15.15 -4.33 -12.92
C GLU A 232 -14.46 -4.26 -11.56
N LYS A 233 -13.23 -3.75 -11.53
CA LYS A 233 -12.54 -3.58 -10.25
C LYS A 233 -13.37 -2.73 -9.30
N ILE A 234 -13.85 -1.58 -9.78
CA ILE A 234 -14.62 -0.66 -8.94
C ILE A 234 -15.89 -1.35 -8.43
N ALA A 235 -16.59 -2.05 -9.32
CA ALA A 235 -17.84 -2.69 -8.93
C ALA A 235 -17.60 -3.77 -7.88
N THR A 236 -16.56 -4.58 -8.09
CA THR A 236 -16.25 -5.67 -7.18
C THR A 236 -15.85 -5.17 -5.80
N VAL A 237 -14.98 -4.17 -5.73
CA VAL A 237 -14.52 -3.69 -4.44
C VAL A 237 -15.60 -2.83 -3.77
N THR A 238 -16.30 -1.98 -4.53
CA THR A 238 -17.38 -1.21 -3.91
C THR A 238 -18.44 -2.10 -3.27
N ALA A 239 -18.71 -3.27 -3.83
CA ALA A 239 -19.75 -4.12 -3.24
C ALA A 239 -19.41 -4.53 -1.80
N ARG A 240 -18.12 -4.57 -1.46
CA ARG A 240 -17.71 -4.87 -0.08
C ARG A 240 -17.41 -3.61 0.72
N ALA A 241 -16.88 -2.58 0.07
CA ALA A 241 -16.47 -1.37 0.79
C ALA A 241 -17.68 -0.54 1.23
N ARG A 242 -18.78 -0.57 0.47
CA ARG A 242 -19.95 0.24 0.84
C ARG A 242 -20.44 -0.12 2.23
N SER A 243 -20.18 -1.35 2.67
CA SER A 243 -20.65 -1.82 3.96
C SER A 243 -19.91 -1.18 5.12
N LEU A 244 -18.76 -0.56 4.85
CA LEU A 244 -17.88 -0.08 5.91
C LEU A 244 -18.08 1.39 6.23
N VAL A 245 -19.06 2.06 5.61
CA VAL A 245 -19.28 3.49 5.78
C VAL A 245 -19.79 3.79 7.19
N VAL A 246 -19.13 4.74 7.87
CA VAL A 246 -19.63 5.36 9.09
C VAL A 246 -19.62 6.86 8.89
N GLY A 247 -20.60 7.54 9.49
CA GLY A 247 -20.69 8.98 9.39
C GLY A 247 -19.82 9.66 10.43
N1 TT9 B . 7.95 0.45 -3.15
N3 TT9 B . 8.09 -0.49 0.95
C4 TT9 B . 8.04 0.75 -4.57
C5 TT9 B . 9.10 -0.02 -2.49
C6 TT9 B . 8.05 -0.17 -0.44
C7 TT9 B . 6.77 0.36 -1.13
C8 TT9 B . 6.76 0.64 -2.40
C1 TT9 B . 6.59 1.83 -6.50
C2 TT9 B . 7.15 0.46 -6.80
C3 TT9 B . 7.20 -0.18 -5.43
C9 TT9 B . 6.86 2.86 -7.59
N2 TT9 B . 9.12 -0.32 -1.11
O1 TT9 B . 3.93 1.31 -9.41
O10 TT9 B . 10.26 -0.19 -3.19
O11 TT9 B . 6.18 2.48 -8.76
O2 TT9 B . 1.81 0.37 -9.11
O3 TT9 B . 2.02 2.63 -9.56
O4 TT9 B . 2.65 1.88 -7.17
O5 TT9 B . 4.24 3.58 -5.93
O6 TT9 B . 3.52 1.64 -4.85
O7 TT9 B . 5.27 1.36 -6.53
O8 TT9 B . 8.40 0.51 -7.42
O9 TT9 B . 7.76 -1.46 -5.48
P1 TT9 B . 2.62 1.54 -8.79
P2 TT9 B . 3.93 2.17 -6.14
S1 TT9 B . 7.34 2.41 -4.94
#